data_2C4W
#
_entry.id   2C4W
#
_cell.length_a   131.370
_cell.length_b   131.370
_cell.length_c   131.370
_cell.angle_alpha   90.00
_cell.angle_beta   90.00
_cell.angle_gamma   90.00
#
_symmetry.space_group_name_H-M   'F 2 3'
#
loop_
_entity.id
_entity.type
_entity.pdbx_description
1 polymer '3-DEHYDROQUINATE DEHYDRATASE'
2 non-polymer 'N-TETRAZOL-5-YL 9-OXO-9H-XANTHENE-2 SULPHONAMIDE'
3 non-polymer GLYCEROL
4 non-polymer IMIDAZOLE
5 water water
#
_entity_poly.entity_id   1
_entity_poly.type   'polypeptide(L)'
_entity_poly.pdbx_seq_one_letter_code
;AGLVPRGSHMKILVIQGPNLNMLGHRDPRLYGMVTLDQIHEIMQTFVKQGNLDVELEFFQTNFEGEIIDKIQESVGSEYE
GIIINPGAFSHTSIAIADAIMLAGKPVIEVHLTNIQAREEFRKNSYTGAACGGVIMGFGPLGYNMALMAMVNILAEMKAF
QEAQKNNPNNPINNQK
;
_entity_poly.pdbx_strand_id   A
#
loop_
_chem_comp.id
_chem_comp.type
_chem_comp.name
_chem_comp.formula
GAJ non-polymer 'N-TETRAZOL-5-YL 9-OXO-9H-XANTHENE-2 SULPHONAMIDE' 'C14 H9 N5 O4 S'
GOL non-polymer GLYCEROL 'C3 H8 O3'
IMD non-polymer IMIDAZOLE 'C3 H5 N2 1'
#
# COMPACT_ATOMS: atom_id res chain seq x y z
N ALA A 1 25.14 11.02 -19.04
CA ALA A 1 24.31 12.10 -18.41
C ALA A 1 23.14 12.58 -19.29
N GLY A 2 21.95 12.65 -18.69
CA GLY A 2 20.72 13.01 -19.40
C GLY A 2 20.20 11.87 -20.28
N LEU A 3 20.65 10.67 -20.00
CA LEU A 3 20.32 9.53 -20.84
C LEU A 3 19.23 8.66 -20.22
N VAL A 4 18.71 9.05 -19.06
CA VAL A 4 17.65 8.27 -18.41
C VAL A 4 16.38 9.11 -18.31
N PRO A 5 15.43 8.93 -19.24
CA PRO A 5 14.20 9.69 -19.16
C PRO A 5 13.39 9.44 -17.89
N ARG A 6 12.63 10.47 -17.51
N ARG A 6 12.53 10.38 -17.57
CA ARG A 6 11.77 10.47 -16.31
CA ARG A 6 11.44 10.11 -16.66
C ARG A 6 10.31 10.77 -16.69
C ARG A 6 10.28 9.66 -17.58
N GLY A 7 9.38 10.38 -15.83
N GLY A 7 9.60 8.57 -17.22
CA GLY A 7 9.70 9.97 -14.47
CA GLY A 7 9.76 7.95 -15.93
C GLY A 7 9.23 8.61 -14.02
C GLY A 7 9.42 6.48 -15.75
N SER A 8 7.97 8.49 -13.62
N SER A 8 10.16 5.89 -14.82
CA SER A 8 7.60 7.34 -12.79
CA SER A 8 9.93 4.55 -14.35
C SER A 8 6.59 6.35 -13.34
C SER A 8 8.53 4.40 -13.75
N HIS A 9 7.03 5.11 -13.45
N HIS A 9 7.93 5.48 -13.26
CA HIS A 9 6.15 4.01 -13.09
CA HIS A 9 6.59 5.35 -12.68
C HIS A 9 6.37 3.77 -11.60
C HIS A 9 6.60 4.44 -11.42
N MET A 10 5.43 4.24 -10.78
CA MET A 10 5.37 3.75 -9.40
C MET A 10 4.64 2.40 -9.36
N LYS A 11 5.22 1.42 -8.69
CA LYS A 11 4.60 0.08 -8.54
C LYS A 11 4.24 -0.10 -7.09
N ILE A 12 2.94 -0.22 -6.83
CA ILE A 12 2.42 -0.40 -5.47
C ILE A 12 1.69 -1.73 -5.36
N LEU A 13 2.02 -2.47 -4.30
CA LEU A 13 1.42 -3.78 -4.02
C LEU A 13 0.37 -3.61 -2.94
N VAL A 14 -0.82 -4.12 -3.19
CA VAL A 14 -1.95 -4.05 -2.25
C VAL A 14 -2.24 -5.47 -1.73
N ILE A 15 -2.04 -5.71 -0.43
CA ILE A 15 -2.20 -7.01 0.18
C ILE A 15 -3.40 -6.98 1.11
N GLN A 16 -4.35 -7.88 0.86
CA GLN A 16 -5.60 -7.98 1.62
C GLN A 16 -5.59 -9.30 2.37
N GLY A 17 -5.86 -9.24 3.67
CA GLY A 17 -5.86 -10.37 4.55
C GLY A 17 -7.17 -11.11 4.69
N PRO A 18 -7.30 -11.88 5.79
CA PRO A 18 -8.35 -12.90 5.84
C PRO A 18 -9.77 -12.31 5.80
N ASN A 19 -10.66 -13.09 5.18
CA ASN A 19 -12.10 -12.83 5.10
C ASN A 19 -12.54 -11.71 4.18
N LEU A 20 -11.62 -10.81 3.79
CA LEU A 20 -11.97 -9.68 2.94
C LEU A 20 -12.53 -10.06 1.58
N ASN A 21 -12.14 -11.23 1.08
CA ASN A 21 -12.72 -11.72 -0.17
C ASN A 21 -14.23 -11.99 -0.12
N MET A 22 -14.82 -12.04 1.07
CA MET A 22 -16.25 -12.28 1.19
C MET A 22 -17.07 -11.00 1.28
N LEU A 23 -16.42 -9.84 1.18
CA LEU A 23 -17.15 -8.57 1.13
C LEU A 23 -18.22 -8.59 0.05
N GLY A 24 -19.41 -8.16 0.43
CA GLY A 24 -20.47 -7.92 -0.53
C GLY A 24 -21.19 -9.19 -0.88
N HIS A 25 -20.86 -10.27 -0.17
CA HIS A 25 -21.56 -11.54 -0.31
C HIS A 25 -22.27 -11.92 1.01
N ARG A 26 -21.67 -11.52 2.14
CA ARG A 26 -22.26 -11.69 3.49
C ARG A 26 -22.60 -10.34 4.10
N ASP A 27 -21.62 -9.43 3.98
CA ASP A 27 -21.72 -8.00 4.24
C ASP A 27 -20.85 -7.45 3.11
N PRO A 28 -20.71 -6.14 2.96
CA PRO A 28 -21.31 -5.10 3.75
C PRO A 28 -22.59 -4.58 3.13
N ARG A 29 -23.71 -4.88 3.78
CA ARG A 29 -24.83 -3.97 3.76
C ARG A 29 -24.30 -2.64 4.33
N LEU A 30 -23.22 -2.73 5.11
CA LEU A 30 -22.50 -1.56 5.64
C LEU A 30 -21.96 -0.59 4.59
N TYR A 31 -21.66 -1.08 3.38
CA TYR A 31 -21.35 -0.23 2.22
C TYR A 31 -22.23 -0.64 1.01
N GLY A 32 -23.35 -1.29 1.27
CA GLY A 32 -24.32 -1.62 0.22
C GLY A 32 -23.86 -2.67 -0.79
N MET A 33 -23.18 -3.70 -0.32
CA MET A 33 -22.76 -4.81 -1.18
C MET A 33 -21.58 -4.50 -2.11
N VAL A 34 -20.71 -3.59 -1.68
CA VAL A 34 -19.39 -3.41 -2.32
C VAL A 34 -18.57 -4.70 -2.16
N THR A 35 -17.96 -5.17 -3.23
CA THR A 35 -17.10 -6.36 -3.20
C THR A 35 -15.62 -5.94 -3.10
N LEU A 36 -14.74 -6.89 -2.75
CA LEU A 36 -13.32 -6.62 -2.76
C LEU A 36 -12.81 -6.24 -4.17
N ASP A 37 -13.23 -6.94 -5.21
CA ASP A 37 -12.86 -6.55 -6.57
C ASP A 37 -13.26 -5.12 -6.89
N GLN A 38 -14.44 -4.72 -6.43
CA GLN A 38 -14.89 -3.34 -6.59
C GLN A 38 -13.99 -2.31 -5.90
N ILE A 39 -13.53 -2.61 -4.66
CA ILE A 39 -12.53 -1.73 -4.03
C ILE A 39 -11.29 -1.59 -4.92
N HIS A 40 -10.83 -2.70 -5.51
CA HIS A 40 -9.64 -2.65 -6.35
C HIS A 40 -9.86 -1.80 -7.62
N GLU A 41 -11.04 -1.94 -8.19
CA GLU A 41 -11.44 -1.10 -9.33
C GLU A 41 -11.48 0.39 -8.94
N ILE A 42 -11.99 0.69 -7.77
CA ILE A 42 -12.01 2.05 -7.23
C ILE A 42 -10.62 2.64 -7.14
N MET A 43 -9.68 1.84 -6.66
CA MET A 43 -8.28 2.28 -6.59
C MET A 43 -7.71 2.55 -7.99
N GLN A 44 -8.00 1.67 -8.95
CA GLN A 44 -7.54 1.85 -10.33
CA GLN A 44 -7.53 1.86 -10.32
C GLN A 44 -8.13 3.13 -10.94
N THR A 45 -9.40 3.39 -10.66
CA THR A 45 -10.06 4.61 -11.14
C THR A 45 -9.42 5.86 -10.53
N PHE A 46 -9.05 5.79 -9.25
CA PHE A 46 -8.34 6.90 -8.62
C PHE A 46 -7.07 7.26 -9.38
N VAL A 47 -6.30 6.25 -9.75
CA VAL A 47 -5.07 6.40 -10.53
C VAL A 47 -5.37 7.05 -11.87
N LYS A 48 -6.38 6.52 -12.58
CA LYS A 48 -6.79 7.04 -13.90
C LYS A 48 -7.23 8.50 -13.79
N GLN A 49 -8.16 8.77 -12.87
CA GLN A 49 -8.68 10.14 -12.71
C GLN A 49 -7.58 11.16 -12.39
N GLY A 50 -6.53 10.74 -11.71
CA GLY A 50 -5.38 11.62 -11.43
C GLY A 50 -4.28 11.60 -12.49
N ASN A 51 -4.51 10.83 -13.56
CA ASN A 51 -3.54 10.67 -14.64
C ASN A 51 -2.19 10.25 -14.09
N LEU A 52 -2.20 9.39 -13.08
CA LEU A 52 -0.98 9.02 -12.37
C LEU A 52 -0.33 7.85 -13.05
N ASP A 53 0.99 7.81 -12.96
CA ASP A 53 1.77 6.77 -13.59
CA ASP A 53 1.79 6.76 -13.57
C ASP A 53 2.06 5.69 -12.54
N VAL A 54 1.01 4.98 -12.18
CA VAL A 54 1.07 4.04 -11.09
C VAL A 54 0.54 2.70 -11.57
N GLU A 55 1.28 1.66 -11.22
CA GLU A 55 0.87 0.28 -11.48
C GLU A 55 0.47 -0.33 -10.15
N LEU A 56 -0.74 -0.85 -10.07
CA LEU A 56 -1.21 -1.59 -8.88
C LEU A 56 -1.22 -3.10 -9.12
N GLU A 57 -0.75 -3.84 -8.13
CA GLU A 57 -0.93 -5.28 -8.07
C GLU A 57 -1.74 -5.61 -6.83
N PHE A 58 -2.72 -6.48 -6.98
CA PHE A 58 -3.62 -6.88 -5.88
C PHE A 58 -3.43 -8.33 -5.48
N PHE A 59 -3.48 -8.60 -4.17
CA PHE A 59 -3.31 -9.96 -3.64
C PHE A 59 -4.16 -10.11 -2.38
N GLN A 60 -5.00 -11.14 -2.33
CA GLN A 60 -5.78 -11.47 -1.13
C GLN A 60 -5.46 -12.90 -0.70
N THR A 61 -5.39 -13.10 0.61
CA THR A 61 -5.21 -14.43 1.17
C THR A 61 -5.74 -14.55 2.58
N ASN A 62 -6.16 -15.77 2.97
CA ASN A 62 -6.52 -16.09 4.34
C ASN A 62 -5.36 -16.69 5.14
N PHE A 63 -4.16 -16.72 4.54
CA PHE A 63 -2.99 -17.34 5.16
C PHE A 63 -1.94 -16.32 5.63
N GLU A 64 -1.57 -16.35 6.90
CA GLU A 64 -0.48 -15.55 7.45
C GLU A 64 0.80 -15.74 6.66
N GLY A 65 1.15 -16.99 6.40
CA GLY A 65 2.37 -17.30 5.66
C GLY A 65 2.42 -16.79 4.24
N GLU A 66 1.24 -16.73 3.59
CA GLU A 66 1.18 -16.18 2.22
C GLU A 66 1.40 -14.66 2.24
N ILE A 67 0.90 -13.99 3.27
CA ILE A 67 1.17 -12.56 3.44
C ILE A 67 2.67 -12.35 3.62
N ILE A 68 3.34 -13.13 4.48
CA ILE A 68 4.78 -12.95 4.69
C ILE A 68 5.55 -13.27 3.42
N ASP A 69 5.21 -14.37 2.74
CA ASP A 69 5.85 -14.70 1.46
C ASP A 69 5.73 -13.51 0.51
N LYS A 70 4.55 -12.92 0.41
CA LYS A 70 4.31 -11.84 -0.58
C LYS A 70 5.13 -10.61 -0.24
N ILE A 71 5.22 -10.27 1.05
CA ILE A 71 6.02 -9.14 1.47
C ILE A 71 7.48 -9.39 1.11
N GLN A 72 7.95 -10.60 1.35
CA GLN A 72 9.35 -10.95 1.06
C GLN A 72 9.65 -10.89 -0.43
N GLU A 73 8.72 -11.33 -1.26
CA GLU A 73 8.89 -11.37 -2.71
C GLU A 73 9.00 -9.94 -3.26
N SER A 74 8.47 -8.97 -2.54
CA SER A 74 8.55 -7.54 -2.91
C SER A 74 9.91 -6.90 -2.58
N VAL A 75 10.62 -7.44 -1.59
CA VAL A 75 11.84 -6.82 -1.09
C VAL A 75 12.87 -6.78 -2.21
N GLY A 76 13.13 -7.95 -2.79
CA GLY A 76 13.91 -8.05 -4.00
C GLY A 76 12.91 -8.17 -5.12
N SER A 77 12.52 -7.03 -5.67
CA SER A 77 11.66 -6.97 -6.87
C SER A 77 10.72 -5.79 -6.84
N GLU A 78 11.12 -4.77 -7.59
CA GLU A 78 10.21 -3.86 -8.32
C GLU A 78 9.12 -3.07 -7.56
N TYR A 79 8.48 -3.62 -6.53
CA TYR A 79 7.41 -2.87 -5.84
C TYR A 79 8.03 -1.82 -4.94
N GLU A 80 7.58 -0.58 -5.07
CA GLU A 80 8.16 0.55 -4.35
C GLU A 80 7.50 0.75 -2.97
N GLY A 81 6.24 0.32 -2.81
CA GLY A 81 5.54 0.46 -1.52
C GLY A 81 4.40 -0.55 -1.39
N ILE A 82 3.94 -0.76 -0.15
CA ILE A 82 2.85 -1.70 0.10
C ILE A 82 1.71 -1.02 0.85
N ILE A 83 0.48 -1.27 0.40
CA ILE A 83 -0.73 -0.93 1.16
C ILE A 83 -1.27 -2.26 1.65
N ILE A 84 -1.43 -2.40 2.96
CA ILE A 84 -1.83 -3.68 3.53
C ILE A 84 -3.01 -3.54 4.49
N ASN A 85 -3.98 -4.45 4.36
CA ASN A 85 -4.98 -4.68 5.38
C ASN A 85 -4.84 -6.10 5.91
N PRO A 86 -4.10 -6.29 7.02
CA PRO A 86 -3.97 -7.63 7.57
C PRO A 86 -5.26 -8.12 8.29
N GLY A 87 -6.29 -7.28 8.37
CA GLY A 87 -7.56 -7.67 9.03
C GLY A 87 -7.32 -8.22 10.41
N ALA A 88 -7.99 -9.31 10.73
CA ALA A 88 -7.89 -9.90 12.05
C ALA A 88 -6.48 -10.33 12.47
N PHE A 89 -5.56 -10.54 11.52
CA PHE A 89 -4.18 -10.86 11.87
C PHE A 89 -3.43 -9.68 12.48
N SER A 90 -3.95 -8.47 12.28
CA SER A 90 -3.28 -7.27 12.82
C SER A 90 -3.09 -7.37 14.34
N HIS A 91 -4.06 -7.99 15.04
CA HIS A 91 -4.07 -8.00 16.51
C HIS A 91 -3.17 -9.06 17.11
N THR A 92 -2.73 -10.02 16.29
CA THR A 92 -2.03 -11.20 16.77
C THR A 92 -0.68 -11.52 16.12
N SER A 93 -0.47 -11.12 14.88
CA SER A 93 0.68 -11.58 14.11
C SER A 93 1.92 -10.73 14.34
N ILE A 94 2.70 -11.12 15.32
CA ILE A 94 4.03 -10.56 15.48
C ILE A 94 4.89 -10.85 14.23
N ALA A 95 4.68 -12.02 13.63
CA ALA A 95 5.48 -12.41 12.47
C ALA A 95 5.26 -11.49 11.28
N ILE A 96 4.01 -11.17 10.99
CA ILE A 96 3.74 -10.20 9.90
C ILE A 96 4.29 -8.81 10.25
N ALA A 97 4.09 -8.37 11.49
CA ALA A 97 4.65 -7.11 11.92
C ALA A 97 6.18 -7.03 11.72
N ASP A 98 6.89 -8.11 12.08
CA ASP A 98 8.32 -8.17 11.86
C ASP A 98 8.68 -8.15 10.39
N ALA A 99 7.89 -8.83 9.55
CA ALA A 99 8.13 -8.81 8.10
C ALA A 99 7.99 -7.41 7.53
N ILE A 100 7.02 -6.65 8.02
CA ILE A 100 6.83 -5.26 7.62
C ILE A 100 8.03 -4.41 8.07
N MET A 101 8.45 -4.61 9.31
CA MET A 101 9.57 -3.85 9.91
C MET A 101 10.76 -3.90 9.02
N LEU A 102 11.02 -5.06 8.43
CA LEU A 102 12.25 -5.17 7.66
C LEU A 102 11.97 -5.25 6.16
N ALA A 103 10.82 -4.77 5.70
CA ALA A 103 10.50 -4.77 4.27
C ALA A 103 11.36 -3.79 3.45
N GLY A 104 11.94 -2.80 4.11
CA GLY A 104 12.82 -1.84 3.42
C GLY A 104 12.12 -0.88 2.48
N LYS A 105 10.84 -0.69 2.72
CA LYS A 105 10.04 0.21 1.89
C LYS A 105 8.84 0.74 2.68
N PRO A 106 8.20 1.82 2.22
CA PRO A 106 7.00 2.31 2.94
C PRO A 106 5.85 1.32 2.91
N VAL A 107 5.21 1.16 4.07
CA VAL A 107 4.04 0.28 4.23
C VAL A 107 2.98 1.02 5.01
N ILE A 108 1.78 1.06 4.43
CA ILE A 108 0.63 1.77 5.03
C ILE A 108 -0.45 0.72 5.34
N GLU A 109 -0.97 0.77 6.57
CA GLU A 109 -2.03 -0.14 7.01
C GLU A 109 -3.41 0.53 6.86
N VAL A 110 -4.37 -0.19 6.30
CA VAL A 110 -5.75 0.26 6.14
C VAL A 110 -6.71 -0.74 6.79
N HIS A 111 -7.71 -0.24 7.50
CA HIS A 111 -8.88 -1.06 7.92
C HIS A 111 -10.15 -0.37 7.47
N LEU A 112 -11.12 -1.17 7.03
CA LEU A 112 -12.46 -0.67 6.66
C LEU A 112 -13.15 -0.01 7.84
N THR A 113 -13.19 -0.77 8.93
CA THR A 113 -13.84 -0.36 10.16
C THR A 113 -12.88 0.33 11.10
N ASN A 114 -13.46 1.10 12.00
CA ASN A 114 -12.70 1.76 13.01
C ASN A 114 -12.41 0.75 14.11
N ILE A 115 -11.29 0.08 14.02
CA ILE A 115 -11.01 -0.99 14.96
C ILE A 115 -10.83 -0.50 16.39
N GLN A 116 -10.68 0.81 16.58
CA GLN A 116 -10.57 1.42 17.91
CA GLN A 116 -10.57 1.40 17.91
C GLN A 116 -11.92 1.50 18.61
N ALA A 117 -13.00 1.35 17.83
CA ALA A 117 -14.38 1.54 18.30
C ALA A 117 -15.12 0.20 18.54
N ARG A 118 -14.43 -0.93 18.52
CA ARG A 118 -15.11 -2.22 18.57
C ARG A 118 -14.72 -3.04 19.81
N GLU A 119 -14.60 -4.37 19.72
CA GLU A 119 -14.24 -5.20 20.88
C GLU A 119 -12.82 -4.91 21.35
N GLU A 120 -12.58 -5.09 22.65
CA GLU A 120 -11.27 -4.81 23.22
C GLU A 120 -10.12 -5.56 22.48
N PHE A 121 -10.40 -6.79 22.05
CA PHE A 121 -9.39 -7.60 21.32
C PHE A 121 -9.04 -7.09 19.94
N ARG A 122 -9.85 -6.20 19.38
CA ARG A 122 -9.51 -5.57 18.09
C ARG A 122 -8.73 -4.26 18.17
N LYS A 123 -8.53 -3.69 19.35
CA LYS A 123 -7.90 -2.38 19.46
C LYS A 123 -6.39 -2.43 19.16
N ASN A 124 -5.70 -3.46 19.63
CA ASN A 124 -4.24 -3.65 19.40
C ASN A 124 -3.97 -3.87 17.90
N SER A 125 -3.00 -3.17 17.28
CA SER A 125 -2.44 -3.66 16.01
C SER A 125 -0.92 -3.78 16.08
N TYR A 126 -0.40 -5.00 16.22
CA TYR A 126 1.05 -5.22 16.04
C TYR A 126 1.50 -4.70 14.67
N THR A 127 0.77 -5.02 13.64
CA THR A 127 1.17 -4.66 12.29
C THR A 127 1.13 -3.14 12.08
N GLY A 128 0.13 -2.50 12.67
CA GLY A 128 -0.05 -1.05 12.56
C GLY A 128 1.13 -0.31 13.15
N ALA A 129 1.63 -0.82 14.30
CA ALA A 129 2.81 -0.25 14.99
C ALA A 129 4.07 -0.36 14.12
N ALA A 130 4.16 -1.40 13.28
CA ALA A 130 5.29 -1.59 12.37
C ALA A 130 5.22 -0.73 11.13
N CYS A 131 3.99 -0.42 10.71
CA CYS A 131 3.75 0.36 9.48
C CYS A 131 4.10 1.82 9.76
N GLY A 132 4.46 2.56 8.73
CA GLY A 132 4.58 4.01 8.92
C GLY A 132 3.35 4.80 9.43
N GLY A 133 2.19 4.37 8.97
CA GLY A 133 0.93 5.03 9.20
C GLY A 133 -0.23 4.06 9.07
N VAL A 134 -1.34 4.43 9.70
CA VAL A 134 -2.56 3.64 9.75
C VAL A 134 -3.77 4.52 9.45
N ILE A 135 -4.69 3.95 8.67
CA ILE A 135 -5.95 4.57 8.30
C ILE A 135 -7.06 3.60 8.71
N MET A 136 -8.07 4.04 9.48
CA MET A 136 -9.16 3.11 9.85
C MET A 136 -10.49 3.83 9.92
N GLY A 137 -11.54 3.16 9.45
CA GLY A 137 -12.92 3.64 9.63
C GLY A 137 -13.53 4.40 8.46
N PHE A 138 -12.88 4.40 7.32
CA PHE A 138 -13.37 5.12 6.13
C PHE A 138 -13.96 4.19 5.08
N GLY A 139 -14.15 2.91 5.40
CA GLY A 139 -14.63 1.97 4.38
C GLY A 139 -13.71 1.93 3.15
N PRO A 140 -14.24 1.62 1.94
CA PRO A 140 -13.40 1.62 0.74
C PRO A 140 -12.59 2.89 0.52
N LEU A 141 -13.16 4.04 0.90
CA LEU A 141 -12.49 5.32 0.74
C LEU A 141 -11.09 5.32 1.37
N GLY A 142 -10.91 4.58 2.48
CA GLY A 142 -9.62 4.49 3.12
C GLY A 142 -8.50 4.04 2.20
N TYR A 143 -8.84 3.15 1.26
CA TYR A 143 -7.85 2.68 0.32
C TYR A 143 -7.38 3.77 -0.67
N ASN A 144 -8.29 4.64 -1.10
CA ASN A 144 -7.91 5.79 -1.90
C ASN A 144 -7.06 6.79 -1.11
N MET A 145 -7.37 6.97 0.16
CA MET A 145 -6.54 7.80 1.05
C MET A 145 -5.10 7.24 1.17
N ALA A 146 -4.99 5.91 1.29
CA ALA A 146 -3.71 5.23 1.36
C ALA A 146 -2.94 5.42 0.05
N LEU A 147 -3.66 5.38 -1.06
CA LEU A 147 -3.03 5.57 -2.36
C LEU A 147 -2.52 7.01 -2.52
N MET A 148 -3.35 7.98 -2.16
CA MET A 148 -2.94 9.40 -2.15
C MET A 148 -1.67 9.61 -1.33
N ALA A 149 -1.60 9.01 -0.15
CA ALA A 149 -0.42 9.14 0.67
C ALA A 149 0.77 8.45 0.05
N MET A 150 0.60 7.23 -0.44
CA MET A 150 1.73 6.48 -0.97
C MET A 150 2.35 7.17 -2.19
N VAL A 151 1.50 7.71 -3.06
CA VAL A 151 2.01 8.45 -4.23
C VAL A 151 2.86 9.65 -3.80
N ASN A 152 2.40 10.41 -2.81
CA ASN A 152 3.16 11.53 -2.28
CA ASN A 152 3.18 11.53 -2.32
C ASN A 152 4.51 11.06 -1.74
N ILE A 153 4.49 10.00 -0.94
CA ILE A 153 5.70 9.52 -0.30
C ILE A 153 6.72 9.03 -1.35
N LEU A 154 6.26 8.24 -2.30
CA LEU A 154 7.15 7.67 -3.32
C LEU A 154 7.68 8.73 -4.29
N ALA A 155 6.89 9.76 -4.57
N ALA A 155 6.85 9.72 -4.61
CA ALA A 155 7.34 10.86 -5.44
CA ALA A 155 7.19 10.72 -5.63
C ALA A 155 8.43 11.69 -4.79
C ALA A 155 8.52 11.40 -5.34
N GLU A 156 8.33 11.89 -3.48
N GLU A 156 8.76 11.67 -4.07
CA GLU A 156 9.30 12.69 -2.74
CA GLU A 156 10.00 12.32 -3.68
C GLU A 156 10.59 11.91 -2.51
C GLU A 156 11.18 11.36 -3.73
N MET A 157 10.49 10.61 -2.30
N MET A 157 10.91 10.08 -3.46
CA MET A 157 11.66 9.76 -2.13
CA MET A 157 11.95 9.06 -3.54
C MET A 157 12.54 9.77 -3.38
C MET A 157 12.38 8.86 -4.99
N LYS A 158 11.90 9.77 -4.55
N LYS A 158 11.40 8.84 -5.90
CA LYS A 158 12.64 9.86 -5.82
CA LYS A 158 11.68 8.63 -7.32
C LYS A 158 13.37 11.19 -5.94
C LYS A 158 12.39 9.84 -7.91
N ALA A 159 12.64 12.29 -5.84
N ALA A 159 12.06 11.02 -7.39
CA ALA A 159 13.24 13.61 -5.91
CA ALA A 159 12.73 12.24 -7.82
C ALA A 159 14.55 13.64 -5.13
C ALA A 159 14.21 12.15 -7.52
N PHE A 160 14.47 13.27 -3.85
N PHE A 160 14.52 11.84 -6.27
CA PHE A 160 15.64 13.20 -2.99
CA PHE A 160 15.90 11.69 -5.84
C PHE A 160 16.70 12.30 -3.61
C PHE A 160 16.67 10.77 -6.78
N GLN A 161 16.46 11.00 -3.55
N GLN A 161 16.12 9.59 -7.01
CA GLN A 161 17.42 10.00 -4.02
CA GLN A 161 16.79 8.55 -7.80
C GLN A 161 18.19 10.47 -5.26
C GLN A 161 16.94 8.94 -9.27
N GLU A 162 17.48 10.55 -6.38
N GLU A 162 15.90 9.56 -9.83
CA GLU A 162 18.11 10.85 -7.67
CA GLU A 162 15.90 9.95 -11.24
C GLU A 162 18.49 12.31 -7.77
C GLU A 162 17.07 10.87 -11.56
N ALA A 163 18.23 12.88 -8.95
N ALA A 163 17.53 11.61 -10.55
CA ALA A 163 18.59 14.26 -9.20
CA ALA A 163 18.61 12.57 -10.73
C ALA A 163 19.40 14.78 -8.03
C ALA A 163 19.98 11.91 -10.58
N GLN A 164 18.74 14.91 -6.88
N GLN A 164 20.06 10.90 -9.72
CA GLN A 164 19.40 15.42 -5.68
CA GLN A 164 21.30 10.17 -9.53
C GLN A 164 20.42 14.41 -5.18
C GLN A 164 21.58 9.30 -10.76
N LYS A 165 19.96 13.26 -4.72
N LYS A 165 20.55 9.08 -11.55
CA LYS A 165 20.87 12.24 -4.20
CA LYS A 165 20.66 8.28 -12.76
C LYS A 165 22.16 12.23 -5.01
C LYS A 165 21.09 9.14 -13.94
N ASN A 166 22.03 12.19 -6.34
N ASN A 166 20.62 10.39 -13.95
CA ASN A 166 23.19 12.21 -7.22
CA ASN A 166 21.01 11.34 -14.99
C ASN A 166 23.40 13.59 -7.84
C ASN A 166 22.30 12.06 -14.63
N ASN A 167 22.92 11.65 -13.53
CA ASN A 167 24.13 12.30 -13.05
C ASN A 167 25.16 11.28 -12.53
N PRO A 168 25.13 10.08 -13.10
CA PRO A 168 26.04 8.98 -12.76
C PRO A 168 27.51 9.35 -12.98
O2 GAJ B . -12.30 -3.64 9.45
S GAJ B . -11.35 -4.56 8.75
O1 GAJ B . -10.78 -3.94 7.54
N4 GAJ B . -10.06 -5.09 9.67
C14 GAJ B . -10.28 -5.70 10.84
N GAJ B . -11.44 -6.12 11.32
N1 GAJ B . -11.08 -6.70 12.52
N2 GAJ B . -9.81 -6.58 12.71
N3 GAJ B . -9.30 -5.93 11.64
C1 GAJ B . -12.21 -5.91 8.11
C GAJ B . -13.56 -5.76 7.80
C2 GAJ B . -11.55 -7.10 7.80
C3 GAJ B . -12.25 -8.14 7.19
C4 GAJ B . -13.58 -8.03 6.88
O7 GAJ B . -14.21 -9.07 6.25
C6 GAJ B . -15.53 -9.01 5.95
C8 GAJ B . -16.18 -10.12 5.28
C9 GAJ B . -17.48 -10.04 4.95
C10 GAJ B . -18.22 -8.95 5.16
C11 GAJ B . -17.76 -7.87 5.82
C12 GAJ B . -16.34 -7.82 6.22
C13 GAJ B . -15.71 -6.64 6.83
C5 GAJ B . -14.28 -6.78 7.19
O GAJ B . -16.38 -5.61 7.11
C1 GOL C . -14.23 -8.03 10.84
O1 GOL C . -14.11 -6.65 10.92
C2 GOL C . -15.68 -8.29 10.43
O2 GOL C . -16.59 -7.94 11.46
C3 GOL C . -15.85 -9.76 10.12
O3 GOL C . -14.92 -10.18 9.16
C1 GOL D . -19.24 11.01 13.36
O1 GOL D . -17.97 10.82 12.78
C2 GOL D . -19.13 11.26 14.85
O2 GOL D . -18.71 10.05 15.41
C3 GOL D . -20.50 11.68 15.40
O3 GOL D . -20.42 13.03 15.78
N1 IMD E . -23.86 12.84 10.70
C2 IMD E . -23.00 12.34 9.78
N3 IMD E . -22.07 11.59 10.41
C4 IMD E . -22.33 11.62 11.74
C5 IMD E . -23.45 12.41 11.92
N1 IMD F . -17.37 9.24 9.14
C2 IMD F . -17.32 7.93 8.80
N3 IMD F . -16.03 7.57 8.73
C4 IMD F . -15.27 8.65 9.00
C5 IMD F . -16.11 9.71 9.27
#